data_1SLS
#
_entry.id   1SLS
#
_cell.length_a   1.000
_cell.length_b   1.000
_cell.length_c   1.000
_cell.angle_alpha   90.00
_cell.angle_beta   90.00
_cell.angle_gamma   90.00
#
_symmetry.space_group_name_H-M   'P 1'
#
_entity_poly.entity_id   1
_entity_poly.type   'polydeoxyribonucleotide'
_entity_poly.pdbx_seq_one_letter_code
;(DG)(DC)(DT)(DC)(DC)(DC)(DA)(DT)(DG)(DG)(DT)(DT)(DT)(DT)(DT)(DG)(DT)(DG)(DC)(DA)
(DC)(DG)(DA)(DG)(DC)
;
_entity_poly.pdbx_strand_id   A,B
#